data_2XDU
#
_entry.id   2XDU
#
_cell.length_a   67.013
_cell.length_b   90.725
_cell.length_c   98.735
_cell.angle_alpha   90.00
_cell.angle_beta   90.00
_cell.angle_gamma   90.00
#
_symmetry.space_group_name_H-M   'I 2 2 2'
#
loop_
_entity.id
_entity.type
_entity.pdbx_description
1 polymer 'HEAT SHOCK PROTEIN HSP 90-ALPHA'
2 non-polymer 'MAGNESIUM ION'
3 non-polymer 'DIMETHYL SULFOXIDE'
4 non-polymer PYRIMIDIN-2-AMINE
5 non-polymer 1-CHLORO-4-METHYLPHTHALAZINE
6 water water
#
_entity_poly.entity_id   1
_entity_poly.type   'polypeptide(L)'
_entity_poly.pdbx_seq_one_letter_code
;MGSSHHHHHHSSGLVPRGSHMDQPMEEEVETFAFQAEIAQLMSLIINTFYSNKEIFLRELISNSSDALDKIRYESLTDPS
KLDSGKELHINLIPNKQDRTLTIVDTGIGMTKADLINNLGTIAKSGTKAFMEALQAGADISMIGQFGVGFYSAYLVAEKV
TVITKHNDDEQYAWESSAGGSFTVRTDTGEPMGRGTKVILHLKEDQTEYLEERRIKEIVKKHSQFIGYPITLFVEK
;
_entity_poly.pdbx_strand_id   A
#
loop_
_chem_comp.id
_chem_comp.type
_chem_comp.name
_chem_comp.formula
DMS non-polymer 'DIMETHYL SULFOXIDE' 'C2 H6 O S'
LGA non-polymer PYRIMIDIN-2-AMINE 'C4 H5 N3'
MG non-polymer 'MAGNESIUM ION' 'Mg 2'
MT0 non-polymer 1-CHLORO-4-METHYLPHTHALAZINE 'C9 H7 Cl N2'
#
# COMPACT_ATOMS: atom_id res chain seq x y z
N VAL A 29 0.51 21.70 4.07
CA VAL A 29 -0.12 20.56 3.33
C VAL A 29 -0.40 20.92 1.86
N GLU A 30 0.11 20.12 0.93
CA GLU A 30 -0.15 20.32 -0.49
C GLU A 30 -1.22 19.34 -0.98
N THR A 31 -2.15 19.84 -1.79
CA THR A 31 -3.23 19.03 -2.35
C THR A 31 -3.04 18.97 -3.86
N PHE A 32 -3.19 17.78 -4.40
CA PHE A 32 -3.00 17.47 -5.81
C PHE A 32 -4.22 16.74 -6.38
N ALA A 33 -4.43 16.88 -7.68
CA ALA A 33 -5.43 16.10 -8.40
C ALA A 33 -4.76 14.81 -8.91
N PHE A 34 -5.42 13.66 -8.74
CA PHE A 34 -4.96 12.44 -9.42
C PHE A 34 -5.08 12.67 -10.92
N GLN A 35 -4.24 12.01 -11.71
CA GLN A 35 -4.47 11.95 -13.14
C GLN A 35 -5.85 11.35 -13.38
N ALA A 36 -6.51 11.85 -14.43
CA ALA A 36 -7.86 11.43 -14.80
C ALA A 36 -8.02 9.91 -14.75
N GLU A 37 -7.06 9.20 -15.32
CA GLU A 37 -7.14 7.73 -15.43
C GLU A 37 -7.05 6.99 -14.09
N ILE A 38 -6.25 7.53 -13.16
CA ILE A 38 -6.14 7.00 -11.82
C ILE A 38 -7.40 7.28 -11.01
N ALA A 39 -7.98 8.49 -11.17
CA ALA A 39 -9.24 8.84 -10.53
C ALA A 39 -10.33 7.88 -10.98
N GLN A 40 -10.33 7.57 -12.28
CA GLN A 40 -11.27 6.64 -12.86
C GLN A 40 -11.13 5.22 -12.27
N LEU A 41 -9.88 4.76 -12.13
CA LEU A 41 -9.60 3.47 -11.51
C LEU A 41 -10.13 3.44 -10.08
N MET A 42 -9.84 4.50 -9.33
CA MET A 42 -10.27 4.52 -7.92
C MET A 42 -11.80 4.48 -7.81
N SER A 43 -12.50 5.23 -8.65
CA SER A 43 -13.97 5.18 -8.64
C SER A 43 -14.51 3.78 -8.99
N LEU A 44 -13.92 3.16 -10.00
CA LEU A 44 -14.29 1.78 -10.36
C LEU A 44 -14.12 0.85 -9.16
N ILE A 45 -12.98 0.96 -8.48
CA ILE A 45 -12.71 0.13 -7.30
C ILE A 45 -13.73 0.39 -6.18
N ILE A 46 -14.06 1.66 -5.95
CA ILE A 46 -15.04 2.03 -4.92
C ILE A 46 -16.47 1.66 -5.30
N ASN A 47 -16.86 1.83 -6.57
CA ASN A 47 -18.24 1.68 -6.97
C ASN A 47 -18.64 0.28 -7.43
N THR A 48 -17.70 -0.54 -7.89
CA THR A 48 -18.04 -1.82 -8.51
C THR A 48 -18.46 -2.84 -7.45
N PHE A 49 -19.56 -3.55 -7.68
CA PHE A 49 -19.91 -4.65 -6.78
C PHE A 49 -18.95 -5.81 -6.98
N TYR A 50 -18.24 -6.15 -5.91
CA TYR A 50 -17.17 -7.14 -5.94
C TYR A 50 -16.89 -7.64 -4.52
N SER A 51 -17.34 -8.85 -4.19
CA SER A 51 -17.31 -9.35 -2.80
C SER A 51 -15.94 -9.78 -2.32
N ASN A 52 -15.05 -10.21 -3.23
CA ASN A 52 -13.71 -10.76 -2.87
C ASN A 52 -12.68 -9.66 -2.51
N LYS A 53 -13.03 -8.86 -1.51
CA LYS A 53 -12.27 -7.69 -1.16
C LYS A 53 -10.93 -8.02 -0.52
N GLU A 54 -10.80 -9.22 0.06
CA GLU A 54 -9.56 -9.57 0.81
C GLU A 54 -8.27 -9.49 0.02
N ILE A 55 -8.36 -9.48 -1.31
CA ILE A 55 -7.19 -9.42 -2.17
C ILE A 55 -6.33 -8.16 -1.93
N PHE A 56 -6.92 -7.11 -1.35
CA PHE A 56 -6.17 -5.90 -1.06
C PHE A 56 -4.92 -6.24 -0.24
N LEU A 57 -5.02 -7.21 0.70
CA LEU A 57 -3.91 -7.43 1.63
C LEU A 57 -2.72 -8.09 0.92
N ARG A 58 -3.01 -9.08 0.06
CA ARG A 58 -2.01 -9.73 -0.80
C ARG A 58 -1.25 -8.67 -1.60
N GLU A 59 -1.99 -7.72 -2.17
CA GLU A 59 -1.38 -6.70 -3.03
C GLU A 59 -0.42 -5.78 -2.27
N LEU A 60 -0.83 -5.36 -1.07
CA LEU A 60 0.02 -4.49 -0.24
C LEU A 60 1.25 -5.21 0.30
N ILE A 61 1.09 -6.47 0.69
CA ILE A 61 2.21 -7.31 1.11
C ILE A 61 3.18 -7.54 -0.05
N SER A 62 2.65 -7.77 -1.23
CA SER A 62 3.48 -7.96 -2.42
C SER A 62 4.31 -6.69 -2.72
N ASN A 63 3.66 -5.53 -2.62
CA ASN A 63 4.34 -4.25 -2.76
C ASN A 63 5.45 -4.10 -1.73
N SER A 64 5.16 -4.45 -0.47
CA SER A 64 6.18 -4.41 0.59
C SER A 64 7.35 -5.33 0.27
N SER A 65 7.06 -6.55 -0.20
CA SER A 65 8.09 -7.51 -0.54
C SER A 65 8.99 -7.00 -1.67
N ASP A 66 8.40 -6.41 -2.69
CA ASP A 66 9.16 -5.77 -3.80
C ASP A 66 10.06 -4.62 -3.29
N ALA A 67 9.53 -3.83 -2.35
CA ALA A 67 10.31 -2.73 -1.76
C ALA A 67 11.45 -3.24 -0.89
N LEU A 68 11.24 -4.33 -0.17
CA LEU A 68 12.31 -4.99 0.58
C LEU A 68 13.37 -5.60 -0.38
N ASP A 69 12.92 -6.23 -1.46
CA ASP A 69 13.88 -6.75 -2.46
C ASP A 69 14.74 -5.60 -3.01
N LYS A 70 14.11 -4.45 -3.28
CA LYS A 70 14.84 -3.32 -3.86
C LYS A 70 15.95 -2.82 -2.93
N ILE A 71 15.62 -2.57 -1.67
CA ILE A 71 16.68 -2.09 -0.75
C ILE A 71 17.77 -3.15 -0.54
N ARG A 72 17.37 -4.42 -0.45
CA ARG A 72 18.37 -5.50 -0.33
C ARG A 72 19.35 -5.51 -1.50
N TYR A 73 18.82 -5.41 -2.71
CA TYR A 73 19.67 -5.43 -3.92
C TYR A 73 20.58 -4.19 -3.94
N GLU A 74 20.02 -3.01 -3.65
CA GLU A 74 20.84 -1.79 -3.67
C GLU A 74 21.96 -1.87 -2.63
N SER A 75 21.65 -2.49 -1.50
CA SER A 75 22.61 -2.63 -0.40
C SER A 75 23.81 -3.48 -0.77
N LEU A 76 23.65 -4.35 -1.78
CA LEU A 76 24.80 -5.13 -2.26
C LEU A 76 25.92 -4.29 -2.86
N THR A 77 25.58 -3.17 -3.49
CA THR A 77 26.60 -2.31 -4.09
C THR A 77 26.96 -1.09 -3.22
N ASP A 78 26.06 -0.73 -2.30
CA ASP A 78 26.28 0.35 -1.35
C ASP A 78 25.71 -0.09 0.01
N PRO A 79 26.54 -0.74 0.84
CA PRO A 79 26.11 -1.24 2.16
C PRO A 79 25.56 -0.13 3.10
N SER A 80 25.99 1.11 2.88
CA SER A 80 25.55 2.23 3.73
C SER A 80 24.05 2.53 3.59
N LYS A 81 23.40 1.98 2.56
CA LYS A 81 21.96 2.15 2.41
C LYS A 81 21.16 1.45 3.50
N LEU A 82 21.79 0.55 4.24
CA LEU A 82 21.18 -0.09 5.38
C LEU A 82 21.51 0.61 6.72
N ASP A 83 22.12 1.80 6.67
CA ASP A 83 22.48 2.54 7.89
C ASP A 83 21.20 3.03 8.57
N SER A 84 20.15 3.22 7.79
CA SER A 84 18.82 3.57 8.31
C SER A 84 17.99 2.38 8.83
N GLY A 85 18.60 1.18 8.86
CA GLY A 85 18.02 -0.02 9.48
C GLY A 85 18.36 -1.28 8.71
N LYS A 86 18.88 -2.27 9.41
CA LYS A 86 19.31 -3.54 8.81
C LYS A 86 18.15 -4.53 8.68
N GLU A 87 17.12 -4.39 9.51
CA GLU A 87 16.04 -5.37 9.57
C GLU A 87 15.13 -5.22 8.34
N LEU A 88 14.82 -6.33 7.69
CA LEU A 88 13.98 -6.34 6.49
C LEU A 88 12.75 -7.18 6.81
N HIS A 89 11.63 -6.50 7.08
CA HIS A 89 10.45 -7.21 7.56
C HIS A 89 9.16 -6.51 7.20
N ILE A 90 8.08 -7.24 7.41
CA ILE A 90 6.72 -6.74 7.26
C ILE A 90 5.89 -6.99 8.54
N ASN A 91 5.23 -5.94 9.04
CA ASN A 91 4.35 -6.02 10.21
C ASN A 91 2.94 -5.63 9.79
N LEU A 92 1.97 -6.37 10.31
CA LEU A 92 0.57 -6.13 10.10
C LEU A 92 -0.03 -5.76 11.44
N ILE A 93 -0.61 -4.57 11.53
CA ILE A 93 -1.00 -4.02 12.84
C ILE A 93 -2.46 -3.58 12.84
N PRO A 94 -3.36 -4.43 13.38
CA PRO A 94 -4.74 -3.99 13.51
C PRO A 94 -4.97 -3.14 14.78
N ASN A 95 -5.88 -2.18 14.68
CA ASN A 95 -6.27 -1.38 15.84
C ASN A 95 -7.77 -1.15 15.83
N LYS A 96 -8.51 -1.83 16.69
CA LYS A 96 -9.98 -1.71 16.73
C LYS A 96 -10.45 -0.34 17.20
N GLN A 97 -9.67 0.32 18.06
CA GLN A 97 -10.07 1.61 18.62
C GLN A 97 -10.11 2.65 17.50
N ASP A 98 -9.07 2.66 16.66
CA ASP A 98 -8.96 3.62 15.55
C ASP A 98 -9.60 3.11 14.25
N ARG A 99 -10.05 1.86 14.27
CA ARG A 99 -10.51 1.17 13.07
C ARG A 99 -9.53 1.27 11.89
N THR A 100 -8.28 0.93 12.15
CA THR A 100 -7.24 0.94 11.13
C THR A 100 -6.52 -0.38 11.09
N LEU A 101 -6.11 -0.76 9.89
CA LEU A 101 -5.15 -1.83 9.65
C LEU A 101 -3.96 -1.19 8.96
N THR A 102 -2.79 -1.39 9.56
CA THR A 102 -1.55 -0.80 9.04
C THR A 102 -0.64 -1.92 8.55
N ILE A 103 -0.12 -1.74 7.34
CA ILE A 103 0.90 -2.62 6.77
C ILE A 103 2.21 -1.80 6.76
N VAL A 104 3.20 -2.31 7.50
CA VAL A 104 4.46 -1.63 7.67
C VAL A 104 5.58 -2.49 7.07
N ASP A 105 6.46 -1.85 6.30
CA ASP A 105 7.67 -2.52 5.85
C ASP A 105 8.88 -1.65 6.08
N THR A 106 10.04 -2.29 6.15
CA THR A 106 11.33 -1.59 6.17
C THR A 106 12.04 -1.65 4.81
N GLY A 107 11.25 -1.54 3.73
CA GLY A 107 11.77 -1.51 2.36
C GLY A 107 12.35 -0.18 1.97
N ILE A 108 12.46 0.01 0.66
CA ILE A 108 13.20 1.15 0.10
C ILE A 108 12.55 2.51 0.41
N GLY A 109 11.24 2.47 0.67
CA GLY A 109 10.47 3.70 0.86
C GLY A 109 10.25 4.48 -0.41
N MET A 110 9.56 5.61 -0.26
CA MET A 110 9.22 6.46 -1.39
C MET A 110 9.64 7.88 -1.18
N THR A 111 10.16 8.50 -2.26
CA THR A 111 10.53 9.91 -2.24
C THR A 111 9.28 10.79 -2.46
N LYS A 112 9.40 12.09 -2.22
CA LYS A 112 8.29 13.00 -2.52
C LYS A 112 7.88 12.87 -3.99
N ALA A 113 8.86 12.75 -4.89
CA ALA A 113 8.57 12.66 -6.34
C ALA A 113 7.80 11.38 -6.66
N ASP A 114 8.15 10.28 -6.00
CA ASP A 114 7.40 9.03 -6.13
C ASP A 114 5.95 9.23 -5.75
N LEU A 115 5.71 9.88 -4.60
CA LEU A 115 4.36 10.10 -4.09
C LEU A 115 3.54 11.02 -4.96
N ILE A 116 4.14 12.11 -5.43
CA ILE A 116 3.39 13.13 -6.17
C ILE A 116 3.20 12.76 -7.63
N ASN A 117 4.23 12.15 -8.23
CA ASN A 117 4.23 11.98 -9.68
C ASN A 117 4.67 10.61 -10.25
N ASN A 118 5.78 10.07 -9.77
CA ASN A 118 6.44 8.93 -10.46
C ASN A 118 5.59 7.66 -10.43
N LEU A 119 5.04 7.32 -9.27
CA LEU A 119 4.30 6.07 -9.14
C LEU A 119 2.98 6.12 -9.92
N GLY A 120 2.34 7.27 -9.89
CA GLY A 120 1.11 7.46 -10.67
C GLY A 120 1.37 7.43 -12.15
N THR A 121 2.49 8.03 -12.57
CA THR A 121 2.90 8.05 -13.97
C THR A 121 3.09 6.64 -14.51
N ILE A 122 3.82 5.83 -13.77
CA ILE A 122 4.02 4.43 -14.13
C ILE A 122 2.70 3.64 -14.13
N ALA A 123 1.82 3.92 -13.16
CA ALA A 123 0.53 3.21 -13.01
C ALA A 123 -0.44 3.46 -14.17
N LYS A 124 -0.24 4.56 -14.90
CA LYS A 124 -1.11 4.96 -16.01
C LYS A 124 -1.26 3.88 -17.12
N SER A 125 -0.16 3.28 -17.57
CA SER A 125 -0.24 2.25 -18.62
C SER A 125 -0.91 0.97 -18.11
N GLY A 126 -0.53 0.55 -16.92
CA GLY A 126 -1.16 -0.59 -16.22
C GLY A 126 -2.65 -0.37 -15.98
N THR A 127 -3.00 0.85 -15.58
CA THR A 127 -4.42 1.21 -15.37
C THR A 127 -5.23 1.05 -16.64
N LYS A 128 -4.73 1.58 -17.74
CA LYS A 128 -5.39 1.47 -19.04
C LYS A 128 -5.62 0.00 -19.43
N ALA A 129 -4.57 -0.81 -19.34
CA ALA A 129 -4.65 -2.24 -19.72
C ALA A 129 -5.65 -2.95 -18.79
N PHE A 130 -5.66 -2.55 -17.53
CA PHE A 130 -6.51 -3.19 -16.53
C PHE A 130 -7.98 -2.90 -16.84
N MET A 131 -8.31 -1.63 -17.01
CA MET A 131 -9.71 -1.28 -17.29
C MET A 131 -10.19 -1.86 -18.63
N GLU A 132 -9.31 -1.95 -19.64
CA GLU A 132 -9.59 -2.72 -20.87
C GLU A 132 -9.84 -4.22 -20.62
N ALA A 133 -9.07 -4.81 -19.72
CA ALA A 133 -9.23 -6.22 -19.39
C ALA A 133 -10.56 -6.48 -18.66
N LEU A 134 -10.95 -5.58 -17.76
CA LEU A 134 -12.22 -5.68 -17.04
C LEU A 134 -13.47 -5.66 -17.95
N GLN A 135 -13.50 -4.73 -18.90
CA GLN A 135 -14.61 -4.72 -19.89
C GLN A 135 -14.51 -5.85 -20.93
N ALA A 136 -13.39 -6.58 -20.90
CA ALA A 136 -13.19 -7.76 -21.74
C ALA A 136 -13.30 -9.11 -20.97
N GLY A 137 -13.64 -9.06 -19.68
CA GLY A 137 -13.91 -10.29 -18.92
C GLY A 137 -13.06 -10.55 -17.67
N ALA A 138 -11.94 -9.84 -17.52
CA ALA A 138 -11.07 -10.03 -16.36
C ALA A 138 -11.79 -9.63 -15.09
N ASP A 139 -11.30 -10.04 -13.92
CA ASP A 139 -11.88 -9.49 -12.70
C ASP A 139 -10.86 -8.72 -11.85
N ILE A 140 -11.40 -8.00 -10.87
CA ILE A 140 -10.63 -7.12 -10.01
C ILE A 140 -9.48 -7.82 -9.30
N SER A 141 -9.57 -9.14 -9.07
CA SER A 141 -8.44 -9.86 -8.44
C SER A 141 -7.17 -9.87 -9.27
N MET A 142 -7.27 -9.54 -10.56
CA MET A 142 -6.11 -9.56 -11.44
C MET A 142 -5.34 -8.23 -11.42
N ILE A 143 -5.80 -7.30 -10.58
CA ILE A 143 -5.28 -5.93 -10.57
C ILE A 143 -3.78 -5.91 -10.38
N GLY A 144 -3.26 -6.82 -9.56
CA GLY A 144 -1.82 -6.87 -9.29
C GLY A 144 -1.00 -7.27 -10.50
N GLN A 145 -1.61 -8.05 -11.39
CA GLN A 145 -0.95 -8.43 -12.64
C GLN A 145 -0.75 -7.23 -13.58
N PHE A 146 -1.34 -6.07 -13.24
CA PHE A 146 -1.17 -4.86 -14.03
C PHE A 146 -0.32 -3.81 -13.34
N GLY A 147 0.24 -4.14 -12.17
CA GLY A 147 1.14 -3.24 -11.45
C GLY A 147 0.46 -2.09 -10.69
N VAL A 148 -0.85 -2.20 -10.47
CA VAL A 148 -1.61 -1.11 -9.84
C VAL A 148 -2.39 -1.61 -8.61
N GLY A 149 -1.89 -2.68 -7.99
CA GLY A 149 -2.57 -3.27 -6.85
C GLY A 149 -2.71 -2.38 -5.62
N PHE A 150 -1.85 -1.37 -5.48
CA PHE A 150 -1.96 -0.43 -4.35
C PHE A 150 -3.39 0.12 -4.23
N TYR A 151 -4.00 0.44 -5.36
CA TYR A 151 -5.32 1.10 -5.35
C TYR A 151 -6.44 0.14 -4.89
N SER A 152 -6.16 -1.17 -4.82
CA SER A 152 -7.12 -2.12 -4.23
C SER A 152 -7.36 -1.82 -2.75
N ALA A 153 -6.50 -1.01 -2.14
CA ALA A 153 -6.73 -0.54 -0.76
C ALA A 153 -8.15 0.04 -0.58
N TYR A 154 -8.67 0.65 -1.65
CA TYR A 154 -9.96 1.31 -1.58
C TYR A 154 -11.16 0.36 -1.68
N LEU A 155 -10.90 -0.95 -1.84
CA LEU A 155 -11.92 -1.93 -1.64
C LEU A 155 -12.40 -1.93 -0.19
N VAL A 156 -11.49 -1.67 0.76
CA VAL A 156 -11.82 -1.77 2.18
C VAL A 156 -11.64 -0.46 2.98
N ALA A 157 -10.91 0.52 2.45
CA ALA A 157 -10.58 1.72 3.20
C ALA A 157 -11.34 2.93 2.67
N GLU A 158 -11.90 3.73 3.55
CA GLU A 158 -12.54 5.00 3.16
C GLU A 158 -11.46 6.09 3.02
N LYS A 159 -10.35 5.90 3.71
CA LYS A 159 -9.19 6.78 3.65
C LYS A 159 -7.93 5.94 3.77
N VAL A 160 -6.91 6.33 3.01
CA VAL A 160 -5.60 5.68 3.09
C VAL A 160 -4.58 6.74 3.41
N THR A 161 -3.80 6.49 4.46
CA THR A 161 -2.71 7.34 4.84
C THR A 161 -1.40 6.54 4.64
N VAL A 162 -0.45 7.11 3.94
CA VAL A 162 0.85 6.43 3.68
C VAL A 162 1.97 7.30 4.25
N ILE A 163 2.68 6.77 5.24
CA ILE A 163 3.82 7.43 5.85
C ILE A 163 5.03 6.69 5.33
N THR A 164 6.02 7.42 4.84
CA THR A 164 7.13 6.80 4.12
C THR A 164 8.42 7.61 4.24
N LYS A 165 9.52 6.88 4.23
CA LYS A 165 10.86 7.44 4.37
C LYS A 165 11.82 6.67 3.46
N HIS A 166 12.35 7.38 2.46
CA HIS A 166 13.37 6.88 1.53
C HIS A 166 14.70 7.50 1.97
N ASN A 167 15.80 6.76 1.80
CA ASN A 167 17.13 7.26 2.16
C ASN A 167 17.47 8.62 1.58
N ASP A 168 17.00 8.92 0.38
CA ASP A 168 17.37 10.16 -0.30
C ASP A 168 16.43 11.34 -0.01
N ASP A 169 15.50 11.19 0.92
CA ASP A 169 14.50 12.22 1.14
C ASP A 169 14.01 12.22 2.61
N GLU A 170 13.09 13.14 2.90
CA GLU A 170 12.50 13.34 4.23
C GLU A 170 11.33 12.38 4.43
N GLN A 171 10.81 12.32 5.65
CA GLN A 171 9.61 11.52 5.92
C GLN A 171 8.36 12.31 5.48
N TYR A 172 7.50 11.67 4.70
CA TYR A 172 6.27 12.28 4.19
C TYR A 172 5.04 11.48 4.58
N ALA A 173 3.91 12.18 4.63
CA ALA A 173 2.58 11.55 4.73
C ALA A 173 1.78 11.92 3.49
N TRP A 174 1.34 10.89 2.77
CA TRP A 174 0.43 10.99 1.64
C TRP A 174 -0.89 10.52 2.16
N GLU A 175 -1.97 11.11 1.69
CA GLU A 175 -3.26 10.74 2.16
C GLU A 175 -4.32 11.01 1.13
N SER A 176 -5.31 10.16 1.08
CA SER A 176 -6.43 10.36 0.15
C SER A 176 -7.67 9.60 0.58
N SER A 177 -8.82 10.27 0.51
CA SER A 177 -10.11 9.61 0.64
C SER A 177 -10.78 9.50 -0.73
N ALA A 178 -9.95 9.48 -1.77
CA ALA A 178 -10.42 9.44 -3.15
C ALA A 178 -11.14 10.73 -3.50
N GLY A 179 -12.18 10.65 -4.34
CA GLY A 179 -12.82 11.84 -4.82
C GLY A 179 -11.99 12.77 -5.67
N GLY A 180 -10.86 12.26 -6.18
CA GLY A 180 -10.08 12.96 -7.20
C GLY A 180 -8.82 13.66 -6.71
N SER A 181 -8.61 13.65 -5.39
CA SER A 181 -7.46 14.41 -4.85
C SER A 181 -6.76 13.62 -3.75
N PHE A 182 -5.52 14.03 -3.52
CA PHE A 182 -4.67 13.48 -2.49
C PHE A 182 -3.85 14.60 -1.88
N THR A 183 -3.35 14.40 -0.65
CA THR A 183 -2.44 15.37 -0.06
C THR A 183 -1.09 14.77 0.22
N VAL A 184 -0.09 15.64 0.26
CA VAL A 184 1.24 15.29 0.73
C VAL A 184 1.73 16.40 1.68
N ARG A 185 2.29 15.98 2.81
CA ARG A 185 2.95 16.89 3.75
C ARG A 185 4.19 16.21 4.31
N THR A 186 5.16 17.02 4.74
CA THR A 186 6.25 16.49 5.52
C THR A 186 5.66 15.98 6.86
N ASP A 187 6.10 14.80 7.30
CA ASP A 187 5.53 14.17 8.48
C ASP A 187 6.34 14.49 9.74
N THR A 188 5.68 15.01 10.76
CA THR A 188 6.32 15.38 12.04
C THR A 188 6.29 14.27 13.09
N GLY A 189 5.44 13.26 12.90
CA GLY A 189 5.36 12.11 13.80
C GLY A 189 6.67 11.35 13.97
N GLU A 190 6.61 10.22 14.66
CA GLU A 190 7.83 9.47 14.99
C GLU A 190 8.59 9.05 13.73
N PRO A 191 9.91 9.28 13.71
CA PRO A 191 10.70 8.85 12.57
C PRO A 191 10.70 7.35 12.42
N MET A 192 10.68 6.86 11.19
CA MET A 192 10.64 5.43 10.98
C MET A 192 11.95 4.86 10.45
N GLY A 193 12.95 5.70 10.25
CA GLY A 193 14.24 5.18 9.78
C GLY A 193 14.26 5.01 8.27
N ARG A 194 13.49 4.05 7.78
CA ARG A 194 13.34 3.79 6.35
C ARG A 194 12.21 2.79 6.15
N GLY A 195 11.38 3.05 5.15
CA GLY A 195 10.32 2.12 4.79
C GLY A 195 9.00 2.83 4.61
N THR A 196 7.92 2.08 4.78
CA THR A 196 6.61 2.56 4.42
C THR A 196 5.56 1.98 5.33
N LYS A 197 4.63 2.83 5.77
CA LYS A 197 3.46 2.37 6.50
C LYS A 197 2.22 2.81 5.73
N VAL A 198 1.40 1.83 5.36
CA VAL A 198 0.13 2.06 4.73
C VAL A 198 -0.95 1.86 5.79
N ILE A 199 -1.62 2.95 6.12
CA ILE A 199 -2.66 2.99 7.15
C ILE A 199 -4.01 3.00 6.48
N LEU A 200 -4.72 1.89 6.62
CA LEU A 200 -6.06 1.72 6.04
C LEU A 200 -7.10 2.09 7.08
N HIS A 201 -7.78 3.22 6.87
CA HIS A 201 -8.93 3.64 7.71
C HIS A 201 -10.16 2.93 7.14
N LEU A 202 -10.60 1.89 7.81
CA LEU A 202 -11.51 0.95 7.21
C LEU A 202 -12.92 1.50 7.16
N LYS A 203 -13.63 1.09 6.13
CA LYS A 203 -15.07 1.37 6.02
C LYS A 203 -15.80 0.69 7.16
N GLU A 204 -16.97 1.23 7.53
CA GLU A 204 -17.71 0.74 8.69
C GLU A 204 -18.04 -0.75 8.61
N ASP A 205 -18.31 -1.25 7.40
CA ASP A 205 -18.71 -2.65 7.22
C ASP A 205 -17.51 -3.57 6.86
N GLN A 206 -16.29 -3.06 6.95
CA GLN A 206 -15.10 -3.88 6.64
C GLN A 206 -14.19 -4.16 7.86
N THR A 207 -14.75 -4.13 9.07
CA THR A 207 -13.97 -4.35 10.27
C THR A 207 -13.53 -5.80 10.49
N GLU A 208 -14.01 -6.74 9.66
CA GLU A 208 -13.48 -8.10 9.68
C GLU A 208 -11.96 -8.16 9.45
N TYR A 209 -11.42 -7.18 8.73
CA TYR A 209 -9.96 -7.17 8.47
C TYR A 209 -9.11 -6.64 9.64
N LEU A 210 -9.77 -6.37 10.77
CA LEU A 210 -9.09 -6.15 12.04
C LEU A 210 -9.03 -7.43 12.91
N GLU A 211 -9.72 -8.51 12.51
CA GLU A 211 -9.79 -9.74 13.32
C GLU A 211 -8.59 -10.63 13.06
N GLU A 212 -7.97 -11.13 14.13
CA GLU A 212 -6.72 -11.90 14.00
C GLU A 212 -6.92 -13.13 13.09
N ARG A 213 -7.99 -13.85 13.32
CA ARG A 213 -8.22 -15.09 12.55
C ARG A 213 -8.44 -14.83 11.05
N ARG A 214 -8.99 -13.68 10.72
CA ARG A 214 -9.32 -13.33 9.34
C ARG A 214 -8.05 -12.94 8.62
N ILE A 215 -7.24 -12.14 9.28
CA ILE A 215 -5.94 -11.76 8.72
C ILE A 215 -5.05 -12.97 8.46
N LYS A 216 -4.98 -13.86 9.46
CA LYS A 216 -4.19 -15.09 9.37
C LYS A 216 -4.59 -15.94 8.18
N GLU A 217 -5.90 -16.08 8.02
CA GLU A 217 -6.50 -16.82 6.90
C GLU A 217 -6.05 -16.25 5.54
N ILE A 218 -6.14 -14.93 5.39
CA ILE A 218 -5.80 -14.24 4.15
C ILE A 218 -4.31 -14.34 3.84
N VAL A 219 -3.47 -14.17 4.87
CA VAL A 219 -2.03 -14.25 4.67
C VAL A 219 -1.59 -15.68 4.29
N LYS A 220 -2.13 -16.68 4.98
CA LYS A 220 -1.84 -18.08 4.68
C LYS A 220 -2.23 -18.42 3.22
N LYS A 221 -3.37 -17.90 2.80
CA LYS A 221 -3.97 -18.20 1.49
C LYS A 221 -3.22 -17.55 0.33
N HIS A 222 -2.83 -16.28 0.48
CA HIS A 222 -2.34 -15.46 -0.65
C HIS A 222 -0.85 -15.08 -0.60
N SER A 223 -0.26 -15.16 0.58
CA SER A 223 1.06 -14.60 0.79
C SER A 223 1.98 -15.62 1.49
N GLN A 224 1.70 -16.90 1.28
CA GLN A 224 2.43 -17.95 2.00
C GLN A 224 3.94 -18.02 1.69
N PHE A 225 4.33 -17.58 0.48
CA PHE A 225 5.72 -17.73 -0.01
C PHE A 225 6.49 -16.41 -0.18
N ILE A 226 6.13 -15.42 0.62
CA ILE A 226 6.87 -14.16 0.71
C ILE A 226 8.17 -14.37 1.51
N GLY A 227 9.28 -13.79 1.06
CA GLY A 227 10.62 -14.10 1.61
C GLY A 227 11.14 -13.17 2.71
N TYR A 228 10.22 -12.56 3.46
CA TYR A 228 10.54 -11.70 4.60
C TYR A 228 9.57 -12.08 5.73
N PRO A 229 10.03 -12.04 6.99
CA PRO A 229 9.12 -12.37 8.08
C PRO A 229 7.96 -11.38 8.17
N ILE A 230 6.74 -11.92 8.17
CA ILE A 230 5.54 -11.17 8.32
C ILE A 230 5.02 -11.40 9.73
N THR A 231 4.89 -10.34 10.52
CA THR A 231 4.46 -10.47 11.92
C THR A 231 3.10 -9.84 12.06
N LEU A 232 2.10 -10.63 12.43
CA LEU A 232 0.77 -10.12 12.66
C LEU A 232 0.70 -9.73 14.14
N PHE A 233 0.62 -8.44 14.41
CA PHE A 233 0.50 -7.95 15.78
C PHE A 233 -0.91 -8.27 16.34
N VAL A 234 -0.95 -8.51 17.64
CA VAL A 234 -2.15 -8.82 18.41
C VAL A 234 -2.61 -7.55 19.14
N GLU A 235 -3.92 -7.39 19.31
CA GLU A 235 -4.40 -6.21 20.02
C GLU A 235 -4.32 -6.29 21.52
N LYS A 236 -4.07 -5.13 22.14
CA LYS A 236 -4.10 -4.99 23.58
C LYS A 236 -5.54 -4.66 23.97
MG MG B . -1.92 10.32 -10.21
S DMS C . 9.15 -6.02 14.27
O DMS C . 10.00 -7.27 13.35
C1 DMS C . 10.33 -4.98 15.18
C2 DMS C . 8.32 -6.88 15.62
N2 LGA D . 5.33 -0.65 0.26
C1 LGA D . 5.74 0.09 -0.77
N1 LGA D . 4.84 0.34 -1.75
C4 LGA D . 5.28 1.08 -2.77
C5 LGA D . 6.56 1.55 -2.82
C3 LGA D . 7.41 1.25 -1.79
N7 LGA D . 7.02 0.52 -0.75
C1 MT0 E . 1.00 3.66 -7.39
C2 MT0 E . 1.33 3.59 -5.92
N3 MT0 E . 1.78 2.40 -5.45
N4 MT0 E . 2.09 2.23 -4.15
C5 MT0 E . 1.95 3.28 -3.30
CL6 MT0 E . 2.37 2.99 -1.65
C7 MT0 E . 1.50 4.53 -3.71
C8 MT0 E . 1.37 5.61 -2.83
C9 MT0 E . 0.92 6.83 -3.27
C10 MT0 E . 0.60 6.99 -4.60
C11 MT0 E . 0.72 5.95 -5.49
C12 MT0 E . 1.18 4.70 -5.06
#